data_5GTU
#
_entry.id   5GTU
#
_cell.length_a   43.881
_cell.length_b   63.832
_cell.length_c   78.010
_cell.angle_alpha   90.00
_cell.angle_beta   90.00
_cell.angle_gamma   90.00
#
_symmetry.space_group_name_H-M   'P 21 21 21'
#
loop_
_entity.id
_entity.type
_entity.pdbx_description
1 polymer 'Vacuolar protein sorting-associated protein 29'
2 polymer 'TBC1 domain family member 5'
3 water water
#
loop_
_entity_poly.entity_id
_entity_poly.type
_entity_poly.pdbx_seq_one_letter_code
_entity_poly.pdbx_strand_id
1 'polypeptide(L)'
;MAGHRLVLVLGDLHIPHRCNSLPAKFKKLLVPGKIQHILCTGNLCTKESYDYLKTLAGDVHIVRGDFDENLNYPEQKVVT
VGQFKIGLIHGHQVIPWGDMASLALLQRQFDVDILISGHTHKFEAFEHENKFYINPGSATGAYNALETNIIPSFVLMDIQ
ASTVVTYVYQLIGDDVKVERIEYKKP
;
A
2 'polypeptide(L)' GQQDLMINNPLSQDEGSLWNKFFQDKE B
#
# COMPACT_ATOMS: atom_id res chain seq x y z
N MET A 1 -7.30 -14.37 -15.24
CA MET A 1 -6.45 -13.46 -14.37
C MET A 1 -4.89 -13.34 -14.73
N ALA A 2 -4.34 -14.13 -15.68
CA ALA A 2 -2.97 -13.88 -16.24
C ALA A 2 -2.74 -12.45 -16.85
N GLY A 3 -1.52 -11.88 -16.77
CA GLY A 3 -1.23 -10.54 -17.31
C GLY A 3 -1.54 -9.36 -16.43
N HIS A 4 -2.01 -9.64 -15.22
CA HIS A 4 -2.11 -8.68 -14.17
C HIS A 4 -0.84 -8.55 -13.36
N ARG A 5 -0.63 -7.34 -12.84
CA ARG A 5 0.49 -7.06 -11.93
C ARG A 5 -0.06 -6.63 -10.56
N LEU A 6 0.21 -7.40 -9.53
CA LEU A 6 -0.30 -7.10 -8.21
C LEU A 6 0.80 -6.46 -7.34
N VAL A 7 0.48 -5.30 -6.82
CA VAL A 7 1.45 -4.48 -6.06
C VAL A 7 0.87 -4.18 -4.65
N LEU A 8 1.53 -4.70 -3.65
CA LEU A 8 1.19 -4.38 -2.27
C LEU A 8 1.69 -3.01 -1.90
N VAL A 9 0.86 -2.22 -1.27
CA VAL A 9 1.25 -0.94 -0.79
C VAL A 9 0.96 -0.78 0.69
N LEU A 10 1.96 -0.56 1.49
CA LEU A 10 1.72 -0.49 2.94
C LEU A 10 2.82 0.31 3.61
N GLY A 11 2.64 0.62 4.90
CA GLY A 11 3.69 1.26 5.64
C GLY A 11 3.18 1.76 6.98
N ASP A 12 4.04 2.54 7.63
CA ASP A 12 3.71 3.10 8.97
C ASP A 12 3.32 1.96 9.93
N LEU A 13 4.12 0.95 9.90
CA LEU A 13 3.97 -0.24 10.78
C LEU A 13 4.34 0.16 12.24
N HIS A 14 5.50 0.81 12.41
CA HIS A 14 5.96 1.23 13.73
C HIS A 14 6.13 0.00 14.67
N ILE A 15 6.67 -1.07 14.12
CA ILE A 15 7.09 -2.24 14.86
C ILE A 15 8.60 -2.07 15.17
N PRO A 16 9.03 -2.20 16.42
CA PRO A 16 8.25 -2.74 17.55
C PRO A 16 7.84 -1.72 18.57
N HIS A 17 8.12 -0.43 18.33
CA HIS A 17 8.01 0.55 19.42
C HIS A 17 6.52 0.93 19.66
N ARG A 18 5.67 0.95 18.65
CA ARG A 18 4.26 1.20 18.80
C ARG A 18 3.38 -0.05 18.70
N CYS A 19 3.73 -0.99 17.87
CA CYS A 19 2.94 -2.23 17.62
C CYS A 19 3.85 -3.38 17.52
N ASN A 20 3.36 -4.55 17.86
CA ASN A 20 4.24 -5.75 17.73
C ASN A 20 4.14 -6.53 16.43
N SER A 21 3.04 -6.42 15.67
CA SER A 21 2.84 -7.26 14.49
C SER A 21 1.74 -6.64 13.62
N LEU A 22 1.64 -7.03 12.37
CA LEU A 22 0.40 -6.79 11.65
C LEU A 22 -0.69 -7.59 12.33
N PRO A 23 -1.94 -7.12 12.20
CA PRO A 23 -3.08 -7.88 12.66
C PRO A 23 -3.23 -9.27 12.05
N ALA A 24 -3.68 -10.22 12.87
CA ALA A 24 -3.85 -11.60 12.39
C ALA A 24 -4.70 -11.68 11.12
N LYS A 25 -5.80 -10.95 11.02
CA LYS A 25 -6.67 -11.03 9.80
C LYS A 25 -5.98 -10.51 8.63
N PHE A 26 -5.05 -9.57 8.80
CA PHE A 26 -4.21 -9.18 7.66
C PHE A 26 -3.16 -10.18 7.23
N LYS A 27 -2.51 -10.86 8.19
CA LYS A 27 -1.51 -11.85 7.86
C LYS A 27 -2.17 -13.04 7.16
N LYS A 28 -3.44 -13.35 7.42
CA LYS A 28 -4.13 -14.47 6.74
C LYS A 28 -4.26 -14.14 5.25
N LEU A 29 -4.42 -12.85 4.87
CA LEU A 29 -4.52 -12.44 3.47
C LEU A 29 -3.15 -12.33 2.81
N LEU A 30 -2.17 -11.94 3.61
CA LEU A 30 -0.85 -11.64 3.07
C LEU A 30 0.00 -12.91 3.11
N VAL A 31 -0.07 -13.64 2.01
CA VAL A 31 0.55 -14.94 1.89
C VAL A 31 1.53 -14.85 0.75
N PRO A 32 2.57 -15.69 0.76
CA PRO A 32 3.55 -15.69 -0.33
C PRO A 32 2.92 -16.19 -1.60
N GLY A 33 3.52 -15.77 -2.71
CA GLY A 33 3.27 -16.34 -4.03
C GLY A 33 2.19 -15.64 -4.77
N LYS A 34 1.77 -14.49 -4.31
CA LYS A 34 0.69 -13.75 -4.97
C LYS A 34 1.12 -12.40 -5.47
N ILE A 35 1.82 -11.65 -4.60
CA ILE A 35 2.22 -10.28 -4.89
C ILE A 35 3.55 -10.25 -5.63
N GLN A 36 3.62 -9.39 -6.67
CA GLN A 36 4.82 -9.24 -7.52
C GLN A 36 5.76 -8.15 -7.07
N HIS A 37 5.22 -7.09 -6.53
CA HIS A 37 6.02 -5.95 -6.08
C HIS A 37 5.44 -5.44 -4.77
N ILE A 38 6.30 -4.93 -3.92
CA ILE A 38 5.86 -4.24 -2.70
C ILE A 38 6.38 -2.83 -2.71
N LEU A 39 5.51 -1.85 -2.55
CA LEU A 39 5.89 -0.47 -2.42
C LEU A 39 5.53 -0.02 -0.99
N CYS A 40 6.55 0.17 -0.21
CA CYS A 40 6.39 0.50 1.21
C CYS A 40 6.74 1.95 1.47
N THR A 41 5.86 2.64 2.16
CA THR A 41 6.06 4.07 2.47
C THR A 41 7.04 4.29 3.64
N GLY A 42 7.51 3.24 4.30
CA GLY A 42 8.47 3.36 5.35
C GLY A 42 7.89 3.30 6.72
N ASN A 43 8.70 3.64 7.69
CA ASN A 43 8.36 3.47 9.14
C ASN A 43 8.04 2.00 9.47
N LEU A 44 8.98 1.12 9.17
CA LEU A 44 8.90 -0.31 9.44
C LEU A 44 8.82 -0.67 10.90
N CYS A 45 9.75 -0.28 11.75
CA CYS A 45 10.91 0.62 11.60
C CYS A 45 12.21 -0.10 11.64
N THR A 46 12.23 -1.46 11.63
CA THR A 46 13.43 -2.22 11.78
C THR A 46 13.48 -3.38 10.78
N LYS A 47 14.67 -3.94 10.70
CA LYS A 47 14.93 -5.03 9.76
C LYS A 47 13.89 -6.22 9.90
N GLU A 48 13.40 -6.47 11.10
CA GLU A 48 12.46 -7.58 11.28
C GLU A 48 11.31 -7.42 10.28
N SER A 49 10.81 -6.21 10.15
CA SER A 49 9.65 -5.97 9.25
C SER A 49 10.02 -6.04 7.75
N TYR A 50 11.23 -5.61 7.42
CA TYR A 50 11.75 -5.75 6.08
C TYR A 50 11.80 -7.20 5.69
N ASP A 51 12.35 -8.01 6.57
CA ASP A 51 12.50 -9.45 6.36
C ASP A 51 11.12 -10.06 6.18
N TYR A 52 10.14 -9.62 6.94
CA TYR A 52 8.77 -10.03 6.72
C TYR A 52 8.26 -9.72 5.31
N LEU A 53 8.47 -8.49 4.83
CA LEU A 53 8.07 -8.15 3.48
C LEU A 53 8.69 -9.08 2.46
N LYS A 54 9.97 -9.42 2.65
CA LYS A 54 10.68 -10.31 1.70
C LYS A 54 10.10 -11.71 1.62
N THR A 55 9.38 -12.12 2.67
CA THR A 55 8.67 -13.35 2.59
C THR A 55 7.43 -13.30 1.67
N LEU A 56 6.93 -12.09 1.36
CA LEU A 56 5.70 -11.92 0.61
C LEU A 56 5.97 -11.79 -0.89
N ALA A 57 7.10 -11.15 -1.21
CA ALA A 57 7.43 -10.89 -2.59
C ALA A 57 8.97 -10.68 -2.60
N GLY A 58 9.58 -11.06 -3.71
CA GLY A 58 10.99 -10.79 -3.85
C GLY A 58 11.35 -9.31 -4.08
N ASP A 59 10.48 -8.61 -4.72
CA ASP A 59 10.78 -7.25 -5.18
C ASP A 59 10.19 -6.23 -4.21
N VAL A 60 10.94 -5.82 -3.24
CA VAL A 60 10.54 -4.94 -2.12
C VAL A 60 11.20 -3.56 -2.27
N HIS A 61 10.39 -2.56 -2.35
CA HIS A 61 10.78 -1.17 -2.43
C HIS A 61 10.38 -0.42 -1.17
N ILE A 62 11.31 0.28 -0.55
CA ILE A 62 11.03 0.98 0.68
C ILE A 62 11.62 2.44 0.51
N VAL A 63 10.91 3.44 1.04
CA VAL A 63 11.42 4.76 1.21
C VAL A 63 11.52 5.11 2.66
N ARG A 64 12.36 6.09 2.95
CA ARG A 64 12.72 6.37 4.33
C ARG A 64 11.66 7.09 5.10
N GLY A 65 11.19 6.46 6.17
CA GLY A 65 10.27 7.15 7.10
C GLY A 65 11.09 7.88 8.18
N ASP A 66 10.43 8.81 8.84
CA ASP A 66 10.99 9.57 9.94
C ASP A 66 11.47 8.85 11.17
N PHE A 67 10.98 7.62 11.31
CA PHE A 67 11.30 6.72 12.37
C PHE A 67 12.05 5.44 12.00
N ASP A 68 12.33 5.22 10.69
CA ASP A 68 13.10 4.10 10.29
C ASP A 68 14.49 4.13 10.83
N GLU A 69 14.99 3.00 11.30
CA GLU A 69 16.34 2.85 11.70
C GLU A 69 17.29 2.85 10.50
N ASN A 70 16.83 2.39 9.31
CA ASN A 70 17.79 2.19 8.23
C ASN A 70 17.87 3.50 7.36
N LEU A 71 18.99 4.17 7.53
CA LEU A 71 19.20 5.44 6.86
C LEU A 71 19.72 5.26 5.45
N ASN A 72 19.75 4.03 4.98
CA ASN A 72 20.10 3.81 3.55
C ASN A 72 18.88 3.85 2.67
N TYR A 73 17.66 3.77 3.18
CA TYR A 73 16.51 3.79 2.33
C TYR A 73 16.46 5.17 1.64
N PRO A 74 16.13 5.20 0.35
CA PRO A 74 15.97 6.48 -0.33
C PRO A 74 14.84 7.35 0.17
N GLU A 75 14.93 8.67 0.03
CA GLU A 75 13.90 9.61 0.41
C GLU A 75 12.68 9.40 -0.37
N GLN A 76 12.86 9.11 -1.66
CA GLN A 76 11.72 8.90 -2.59
C GLN A 76 12.21 7.97 -3.70
N LYS A 77 11.25 7.40 -4.39
CA LYS A 77 11.56 6.48 -5.55
C LYS A 77 10.47 6.69 -6.55
N VAL A 78 10.83 6.46 -7.81
CA VAL A 78 9.89 6.37 -8.92
C VAL A 78 10.11 5.02 -9.59
N VAL A 79 8.99 4.30 -9.84
CA VAL A 79 9.08 3.00 -10.53
C VAL A 79 8.04 2.98 -11.61
N THR A 80 8.24 2.08 -12.57
CA THR A 80 7.27 1.84 -13.62
C THR A 80 6.77 0.42 -13.47
N VAL A 81 5.42 0.25 -13.42
CA VAL A 81 4.83 -1.08 -13.37
C VAL A 81 3.75 -1.07 -14.44
N GLY A 82 3.85 -1.96 -15.40
CA GLY A 82 2.99 -1.87 -16.50
C GLY A 82 3.09 -0.52 -17.24
N GLN A 83 1.95 0.04 -17.51
CA GLN A 83 1.83 1.36 -18.16
C GLN A 83 1.98 2.48 -17.17
N PHE A 84 2.14 2.23 -15.91
CA PHE A 84 2.09 3.28 -14.89
C PHE A 84 3.44 3.64 -14.28
N LYS A 85 3.70 4.94 -14.27
CA LYS A 85 4.81 5.50 -13.48
C LYS A 85 4.29 5.90 -12.10
N ILE A 86 4.96 5.39 -11.10
CA ILE A 86 4.46 5.44 -9.72
C ILE A 86 5.49 6.06 -8.84
N GLY A 87 5.08 7.12 -8.11
CA GLY A 87 6.00 7.79 -7.15
C GLY A 87 5.73 7.31 -5.72
N LEU A 88 6.76 7.36 -4.90
CA LEU A 88 6.71 6.82 -3.56
C LEU A 88 7.48 7.70 -2.64
N ILE A 89 6.89 8.15 -1.53
CA ILE A 89 7.57 8.99 -0.54
C ILE A 89 6.87 8.75 0.80
N HIS A 90 7.54 8.92 1.90
CA HIS A 90 6.87 8.63 3.16
C HIS A 90 5.89 9.68 3.54
N GLY A 91 6.22 10.96 3.30
CA GLY A 91 5.22 12.01 3.44
C GLY A 91 5.33 12.94 4.66
N HIS A 92 6.33 12.68 5.51
CA HIS A 92 6.57 13.59 6.62
C HIS A 92 7.17 14.90 6.14
N GLN A 93 7.65 14.89 4.88
CA GLN A 93 8.19 16.05 4.17
C GLN A 93 7.13 17.04 3.79
N VAL A 94 5.85 16.61 3.77
CA VAL A 94 4.74 17.42 3.33
C VAL A 94 4.09 18.07 4.54
N ILE A 95 4.00 19.40 4.50
CA ILE A 95 3.55 20.17 5.61
C ILE A 95 2.52 21.22 5.13
N PRO A 96 1.28 21.20 5.62
CA PRO A 96 0.71 20.21 6.57
C PRO A 96 0.56 18.87 5.94
N TRP A 97 0.48 17.88 6.79
CA TRP A 97 0.45 16.54 6.27
C TRP A 97 -0.73 16.34 5.27
N GLY A 98 -0.40 15.62 4.18
CA GLY A 98 -1.36 15.35 3.14
C GLY A 98 -1.76 16.49 2.23
N ASP A 99 -1.09 17.62 2.37
CA ASP A 99 -1.47 18.85 1.69
C ASP A 99 -1.53 18.59 0.17
N MET A 100 -2.67 18.92 -0.41
CA MET A 100 -2.96 18.60 -1.80
C MET A 100 -2.00 19.33 -2.76
N ALA A 101 -1.78 20.62 -2.52
CA ALA A 101 -0.93 21.34 -3.46
C ALA A 101 0.48 20.79 -3.41
N SER A 102 0.96 20.44 -2.20
CA SER A 102 2.25 19.84 -1.99
C SER A 102 2.38 18.48 -2.74
N LEU A 103 1.38 17.63 -2.54
CA LEU A 103 1.40 16.37 -3.24
C LEU A 103 1.33 16.49 -4.73
N ALA A 104 0.54 17.44 -5.19
CA ALA A 104 0.37 17.67 -6.66
C ALA A 104 1.70 18.18 -7.23
N LEU A 105 2.45 18.95 -6.45
CA LEU A 105 3.78 19.36 -6.96
C LEU A 105 4.73 18.20 -7.04
N LEU A 106 4.74 17.30 -6.07
CA LEU A 106 5.53 16.11 -6.12
C LEU A 106 5.14 15.25 -7.36
N GLN A 107 3.82 15.13 -7.61
CA GLN A 107 3.40 14.43 -8.77
C GLN A 107 4.03 14.94 -10.06
N ARG A 108 4.06 16.28 -10.17
CA ARG A 108 4.66 16.93 -11.29
C ARG A 108 6.18 16.75 -11.36
N GLN A 109 6.81 16.88 -10.22
CA GLN A 109 8.27 16.77 -10.15
C GLN A 109 8.77 15.37 -10.43
N PHE A 110 8.05 14.41 -9.88
CA PHE A 110 8.38 13.01 -10.14
C PHE A 110 7.95 12.56 -11.50
N ASP A 111 6.97 13.23 -12.06
CA ASP A 111 6.39 12.95 -13.43
C ASP A 111 5.71 11.58 -13.37
N VAL A 112 4.77 11.43 -12.40
CA VAL A 112 4.12 10.12 -12.16
C VAL A 112 2.63 10.12 -12.40
N ASP A 113 2.13 8.94 -12.82
CA ASP A 113 0.71 8.76 -12.94
C ASP A 113 0.03 8.64 -11.58
N ILE A 114 0.71 8.00 -10.64
CA ILE A 114 0.13 7.59 -9.30
C ILE A 114 1.20 8.02 -8.34
N LEU A 115 0.79 8.76 -7.28
CA LEU A 115 1.70 9.13 -6.16
C LEU A 115 1.26 8.45 -4.89
N ILE A 116 2.15 7.72 -4.29
CA ILE A 116 1.93 7.00 -3.03
C ILE A 116 2.62 7.78 -1.91
N SER A 117 1.93 8.09 -0.81
CA SER A 117 2.52 8.65 0.38
C SER A 117 1.91 8.05 1.60
N GLY A 118 2.48 8.36 2.74
CA GLY A 118 2.09 7.81 4.05
C GLY A 118 1.98 8.90 5.11
N HIS A 119 2.50 8.62 6.28
CA HIS A 119 2.65 9.59 7.41
C HIS A 119 1.37 9.96 8.15
N THR A 120 0.28 10.11 7.46
CA THR A 120 -0.96 10.50 8.11
C THR A 120 -1.68 9.35 8.87
N HIS A 121 -1.31 8.12 8.52
CA HIS A 121 -1.99 6.95 9.02
C HIS A 121 -3.48 6.99 8.68
N LYS A 122 -3.84 7.63 7.58
CA LYS A 122 -5.20 7.63 7.08
C LYS A 122 -5.14 7.22 5.62
N PHE A 123 -5.86 6.18 5.27
CA PHE A 123 -5.87 5.73 3.88
C PHE A 123 -6.44 6.79 2.98
N GLU A 124 -5.89 6.83 1.76
CA GLU A 124 -6.45 7.61 0.70
C GLU A 124 -6.38 6.92 -0.61
N ALA A 125 -7.36 7.11 -1.52
CA ALA A 125 -7.30 6.62 -2.87
C ALA A 125 -8.24 7.48 -3.68
N PHE A 126 -7.67 8.45 -4.41
CA PHE A 126 -8.49 9.40 -5.11
C PHE A 126 -7.81 9.99 -6.31
N GLU A 127 -8.61 10.44 -7.23
CA GLU A 127 -8.16 11.06 -8.46
C GLU A 127 -8.25 12.59 -8.28
N HIS A 128 -7.17 13.27 -8.71
CA HIS A 128 -7.10 14.71 -8.72
C HIS A 128 -6.38 15.15 -10.01
N GLU A 129 -6.98 16.03 -10.78
CA GLU A 129 -6.35 16.48 -12.09
C GLU A 129 -5.92 15.29 -12.95
N ASN A 130 -6.74 14.22 -12.97
CA ASN A 130 -6.46 13.07 -13.82
C ASN A 130 -5.19 12.27 -13.47
N LYS A 131 -4.73 12.43 -12.20
CA LYS A 131 -3.69 11.66 -11.60
C LYS A 131 -4.26 10.98 -10.34
N PHE A 132 -3.61 9.95 -9.90
CA PHE A 132 -4.11 9.14 -8.83
C PHE A 132 -3.20 9.22 -7.62
N TYR A 133 -3.82 9.38 -6.43
CA TYR A 133 -3.12 9.53 -5.16
C TYR A 133 -3.53 8.41 -4.21
N ILE A 134 -2.56 7.75 -3.64
CA ILE A 134 -2.78 6.66 -2.71
C ILE A 134 -2.04 6.95 -1.42
N ASN A 135 -2.67 6.59 -0.32
CA ASN A 135 -2.04 6.48 0.97
C ASN A 135 -2.56 5.16 1.58
N PRO A 136 -1.70 4.27 1.86
CA PRO A 136 -2.25 2.95 2.38
C PRO A 136 -2.71 3.00 3.84
N GLY A 137 -2.46 4.12 4.55
CA GLY A 137 -2.61 4.12 5.97
C GLY A 137 -1.55 3.35 6.66
N SER A 138 -1.78 3.05 7.96
CA SER A 138 -0.91 2.28 8.76
C SER A 138 -1.40 0.82 8.85
N ALA A 139 -0.58 -0.12 8.40
CA ALA A 139 -1.01 -1.54 8.33
C ALA A 139 -1.22 -2.13 9.69
N THR A 140 -0.62 -1.52 10.76
CA THR A 140 -0.75 -2.05 12.14
C THR A 140 -1.78 -1.20 12.94
N GLY A 141 -2.34 -0.13 12.39
CA GLY A 141 -3.12 0.83 13.22
C GLY A 141 -2.34 1.58 14.27
N ALA A 142 -1.04 1.82 14.00
CA ALA A 142 -0.23 2.55 14.91
C ALA A 142 -0.72 3.94 15.11
N TYR A 143 -0.65 4.48 16.37
CA TYR A 143 -0.96 5.89 16.57
C TYR A 143 0.03 6.76 15.82
N ASN A 144 -0.37 8.01 15.57
CA ASN A 144 0.60 9.06 15.07
C ASN A 144 0.67 10.22 16.13
N ALA A 145 1.46 11.31 15.90
CA ALA A 145 1.59 12.45 16.87
C ALA A 145 0.32 13.24 16.98
N LEU A 146 -0.70 12.97 16.12
CA LEU A 146 -1.99 13.67 16.30
C LEU A 146 -3.15 12.84 16.66
N GLU A 147 -3.10 11.54 16.32
CA GLU A 147 -4.24 10.66 16.33
C GLU A 147 -3.91 9.35 17.02
N THR A 148 -4.85 8.92 17.83
CA THR A 148 -4.77 7.73 18.66
C THR A 148 -5.64 6.55 18.10
N ASN A 149 -6.76 6.82 17.40
CA ASN A 149 -7.65 5.66 17.08
C ASN A 149 -7.66 5.42 15.61
N ILE A 150 -6.69 4.61 15.24
CA ILE A 150 -6.37 4.47 13.84
C ILE A 150 -6.89 3.09 13.38
N ILE A 151 -7.53 3.08 12.23
CA ILE A 151 -7.98 1.86 11.59
C ILE A 151 -6.85 1.28 10.81
N PRO A 152 -6.40 0.04 11.15
CA PRO A 152 -5.38 -0.62 10.28
C PRO A 152 -5.81 -0.71 8.85
N SER A 153 -4.87 -0.47 7.92
CA SER A 153 -5.17 -0.61 6.51
C SER A 153 -3.98 -0.88 5.72
N PHE A 154 -4.22 -1.46 4.51
CA PHE A 154 -3.16 -1.55 3.45
C PHE A 154 -3.89 -1.53 2.13
N VAL A 155 -3.11 -1.42 1.05
CA VAL A 155 -3.65 -1.37 -0.27
C VAL A 155 -3.01 -2.40 -1.16
N LEU A 156 -3.81 -2.87 -2.11
CA LEU A 156 -3.30 -3.71 -3.17
C LEU A 156 -3.73 -3.11 -4.50
N MET A 157 -2.74 -2.84 -5.34
CA MET A 157 -3.07 -2.38 -6.73
C MET A 157 -3.06 -3.58 -7.70
N ASP A 158 -4.10 -3.68 -8.51
CA ASP A 158 -4.17 -4.66 -9.64
C ASP A 158 -4.08 -3.85 -10.92
N ILE A 159 -2.89 -3.97 -11.51
CA ILE A 159 -2.52 -3.18 -12.70
C ILE A 159 -2.65 -4.06 -13.95
N GLN A 160 -3.45 -3.57 -14.92
CA GLN A 160 -3.65 -4.31 -16.18
C GLN A 160 -3.90 -3.23 -17.24
N ALA A 161 -3.22 -3.31 -18.35
CA ALA A 161 -3.38 -2.34 -19.44
C ALA A 161 -3.31 -0.91 -18.88
N SER A 162 -4.29 -0.07 -19.19
CA SER A 162 -4.20 1.31 -18.77
C SER A 162 -5.12 1.54 -17.55
N THR A 163 -5.45 0.47 -16.78
CA THR A 163 -6.31 0.56 -15.64
C THR A 163 -5.60 0.02 -14.40
N VAL A 164 -5.80 0.72 -13.30
CA VAL A 164 -5.40 0.19 -12.00
C VAL A 164 -6.67 0.07 -11.16
N VAL A 165 -6.87 -1.12 -10.58
CA VAL A 165 -7.94 -1.31 -9.63
C VAL A 165 -7.27 -1.32 -8.27
N THR A 166 -7.60 -0.35 -7.39
CA THR A 166 -6.97 -0.20 -6.10
C THR A 166 -7.92 -0.76 -5.05
N TYR A 167 -7.47 -1.81 -4.39
CA TYR A 167 -8.20 -2.41 -3.25
C TYR A 167 -7.64 -1.89 -1.94
N VAL A 168 -8.54 -1.43 -1.06
CA VAL A 168 -8.20 -0.95 0.30
C VAL A 168 -8.78 -1.93 1.27
N TYR A 169 -7.94 -2.46 2.13
CA TYR A 169 -8.28 -3.39 3.15
C TYR A 169 -8.23 -2.62 4.49
N GLN A 170 -9.33 -2.66 5.22
CA GLN A 170 -9.41 -2.04 6.57
C GLN A 170 -9.84 -3.04 7.62
N LEU A 171 -9.28 -2.96 8.82
CA LEU A 171 -9.66 -3.87 9.90
C LEU A 171 -10.56 -3.02 10.85
N ILE A 172 -11.87 -3.38 10.90
CA ILE A 172 -12.83 -2.73 11.70
C ILE A 172 -13.14 -3.63 12.89
N GLY A 173 -12.45 -3.39 13.99
CA GLY A 173 -12.45 -4.35 15.12
C GLY A 173 -11.70 -5.59 14.74
N ASP A 174 -12.41 -6.69 14.54
CA ASP A 174 -11.65 -7.64 13.81
C ASP A 174 -12.35 -8.23 12.67
N ASP A 175 -13.08 -7.37 11.95
CA ASP A 175 -13.63 -7.76 10.66
C ASP A 175 -13.02 -6.89 9.60
N VAL A 176 -12.69 -7.54 8.48
CA VAL A 176 -12.09 -6.84 7.36
C VAL A 176 -13.13 -6.25 6.45
N LYS A 177 -12.92 -5.00 6.05
CA LYS A 177 -13.76 -4.38 5.03
C LYS A 177 -12.86 -4.09 3.83
N VAL A 178 -13.35 -4.39 2.61
CA VAL A 178 -12.60 -4.08 1.35
C VAL A 178 -13.35 -3.10 0.53
N GLU A 179 -12.64 -2.13 -0.01
CA GLU A 179 -13.15 -1.14 -0.96
C GLU A 179 -12.34 -1.28 -2.25
N ARG A 180 -12.95 -0.90 -3.38
CA ARG A 180 -12.32 -1.00 -4.71
C ARG A 180 -12.47 0.38 -5.35
N ILE A 181 -11.43 0.90 -5.93
CA ILE A 181 -11.48 2.18 -6.65
C ILE A 181 -10.70 1.94 -7.95
N GLU A 182 -11.29 2.28 -9.08
CA GLU A 182 -10.66 2.15 -10.37
C GLU A 182 -10.10 3.50 -10.87
N TYR A 183 -8.93 3.45 -11.49
CA TYR A 183 -8.32 4.64 -12.17
C TYR A 183 -7.88 4.16 -13.55
N LYS A 184 -8.13 5.02 -14.55
CA LYS A 184 -7.73 4.70 -15.91
C LYS A 184 -6.88 5.87 -16.32
N LYS A 185 -5.76 5.60 -16.89
CA LYS A 185 -4.88 6.73 -17.33
C LYS A 185 -5.58 7.45 -18.42
N PRO A 186 -5.57 8.78 -18.42
CA PRO A 186 -6.21 9.60 -19.48
C PRO A 186 -5.43 9.64 -20.81
N GLN B 3 -22.16 -6.89 -5.02
CA GLN B 3 -20.72 -7.16 -5.28
C GLN B 3 -19.80 -7.28 -4.01
N ASP B 4 -19.59 -8.52 -3.52
CA ASP B 4 -18.94 -8.75 -2.26
C ASP B 4 -17.45 -8.81 -2.52
N LEU B 5 -16.79 -7.72 -2.06
CA LEU B 5 -15.37 -7.53 -2.27
C LEU B 5 -14.54 -8.39 -1.35
N MET B 6 -15.12 -8.97 -0.33
CA MET B 6 -14.39 -10.03 0.39
C MET B 6 -14.10 -11.30 -0.43
N ILE B 7 -15.02 -11.55 -1.36
CA ILE B 7 -14.90 -12.69 -2.30
C ILE B 7 -14.13 -12.21 -3.50
N ASN B 8 -14.53 -11.04 -4.02
CA ASN B 8 -13.93 -10.49 -5.25
C ASN B 8 -12.82 -9.50 -4.98
N ASN B 9 -11.69 -10.05 -4.55
CA ASN B 9 -10.42 -9.30 -4.46
C ASN B 9 -9.28 -10.27 -4.66
N PRO B 10 -8.09 -9.73 -5.02
CA PRO B 10 -7.07 -10.69 -5.46
C PRO B 10 -6.48 -11.56 -4.36
N LEU B 11 -6.62 -11.09 -3.11
CA LEU B 11 -6.15 -11.89 -1.96
C LEU B 11 -7.21 -12.75 -1.31
N SER B 12 -8.42 -12.86 -1.92
CA SER B 12 -9.50 -13.53 -1.27
C SER B 12 -9.07 -14.99 -1.07
N GLN B 13 -9.44 -15.45 0.15
CA GLN B 13 -9.31 -16.84 0.56
C GLN B 13 -10.67 -17.61 0.31
N ASP B 14 -11.69 -16.96 -0.29
CA ASP B 14 -12.96 -17.59 -0.48
C ASP B 14 -12.85 -18.54 -1.64
N GLU B 15 -13.33 -19.78 -1.41
CA GLU B 15 -13.53 -20.77 -2.52
C GLU B 15 -14.08 -20.25 -3.86
N GLY B 16 -15.02 -19.30 -3.75
CA GLY B 16 -15.76 -18.81 -4.92
C GLY B 16 -15.00 -17.77 -5.73
N SER B 17 -13.94 -17.26 -5.13
CA SER B 17 -13.13 -16.23 -5.72
C SER B 17 -12.42 -16.74 -6.97
N LEU B 18 -12.50 -15.93 -8.02
CA LEU B 18 -11.77 -16.20 -9.26
C LEU B 18 -10.27 -16.05 -9.15
N TRP B 19 -9.78 -15.05 -8.34
CA TRP B 19 -8.37 -14.96 -8.05
C TRP B 19 -7.89 -16.15 -7.25
N ASN B 20 -8.67 -16.47 -6.23
CA ASN B 20 -8.28 -17.65 -5.44
C ASN B 20 -8.13 -18.87 -6.37
N LYS B 21 -9.10 -19.00 -7.28
CA LYS B 21 -9.02 -20.10 -8.27
C LYS B 21 -7.74 -20.07 -9.12
N PHE B 22 -7.38 -18.86 -9.58
CA PHE B 22 -6.17 -18.59 -10.35
C PHE B 22 -4.92 -19.04 -9.61
N PHE B 23 -4.85 -18.71 -8.33
CA PHE B 23 -3.59 -19.08 -7.59
C PHE B 23 -3.59 -20.58 -7.31
N GLN B 24 -4.76 -21.13 -7.10
CA GLN B 24 -4.84 -22.60 -6.85
C GLN B 24 -4.10 -23.35 -7.98
N ASP B 25 -4.29 -22.96 -9.23
CA ASP B 25 -3.58 -23.63 -10.35
C ASP B 25 -2.03 -23.51 -10.42
N LYS B 26 -1.30 -24.35 -9.64
CA LYS B 26 0.20 -24.45 -9.59
C LYS B 26 0.72 -25.80 -9.20
#